data_1RS0
#
_entry.id   1RS0
#
_cell.length_a   98.449
_cell.length_b   98.449
_cell.length_c   125.678
_cell.angle_alpha   90.00
_cell.angle_beta   90.00
_cell.angle_gamma   120.00
#
_symmetry.space_group_name_H-M   'P 61'
#
loop_
_entity.id
_entity.type
_entity.pdbx_description
1 polymer 'Complement factor B'
2 non-polymer 'IODIDE ION'
3 non-polymer 'SODIUM ION'
4 non-polymer 'MAGNESIUM ION'
5 non-polymer 'DIISOPROPYL PHOSPHONATE'
6 water water
#
_entity_poly.entity_id   1
_entity_poly.type   'polypeptide(L)'
_entity_poly.pdbx_seq_one_letter_code
;SMNIYLVLDGSDSIGASNFTGAKKVLVNLIEKVASYGVKPRYGLVTYATYPKIWVKVSEADSSNADWVTKQLNEINYEDH
KLKSGTNTKKALQAVYSMMSWPDDVPPEGWNRTRHVIILMTDGLHNMGGDPITVIDEIRDLLYIGKDRKNPREDYLDVYV
FGVGPLVNQVNINALASKKDNEQHVCKVKDMECLEDVFYQMIDESQSLSLCGMVWEHRKGTDYHKQPWQAKISVIRPSKG
HESCMGAVVSEYFVLTAAHCFTVDDKEHSIKVSVGGEKRDLEIEVVLFHPNYNINGKKEAGIPEFYDYDVALIKLKNKLK
YGQTIRPICLPCTEGTTRALRLPPTTTCQQQKEELLPAQDIKALFVSEEEKKLTRKEVYIKNGDKKGSCERDAQYAPGYD
KVKDISEVVTPRFLCTGGVSPYADPNTCRGDSGGPLIVHKRSRFIQVGVISWGVVDVCKNQKRQKQVPAHARDFHINLFQ
VLPWLKEKLQDEDLGFL
;
_entity_poly.pdbx_strand_id   A
#
loop_
_chem_comp.id
_chem_comp.type
_chem_comp.name
_chem_comp.formula
DFP non-polymer 'DIISOPROPYL PHOSPHONATE' 'C6 H15 O3 P'
IOD non-polymer 'IODIDE ION' 'I -1'
MG non-polymer 'MAGNESIUM ION' 'Mg 2'
NA non-polymer 'SODIUM ION' 'Na 1'
#
# COMPACT_ATOMS: atom_id res chain seq x y z
N SER A 1 15.94 -14.50 -7.48
CA SER A 1 15.46 -14.32 -8.88
C SER A 1 14.13 -15.04 -9.09
N MET A 2 13.17 -14.36 -9.72
CA MET A 2 11.86 -14.95 -9.94
C MET A 2 11.22 -14.56 -11.27
N ASN A 3 10.73 -15.55 -12.01
CA ASN A 3 10.07 -15.34 -13.31
C ASN A 3 8.60 -15.73 -13.20
N ILE A 4 7.72 -14.84 -13.62
CA ILE A 4 6.30 -15.12 -13.57
C ILE A 4 5.75 -15.12 -15.00
N TYR A 5 5.22 -16.27 -15.41
CA TYR A 5 4.69 -16.43 -16.76
C TYR A 5 3.16 -16.35 -16.83
N LEU A 6 2.67 -15.26 -17.41
CA LEU A 6 1.24 -15.04 -17.56
C LEU A 6 0.79 -15.62 -18.88
N VAL A 7 0.03 -16.71 -18.82
CA VAL A 7 -0.47 -17.36 -20.01
C VAL A 7 -1.98 -17.25 -19.96
N LEU A 8 -2.53 -16.63 -20.99
CA LEU A 8 -3.95 -16.39 -21.03
C LEU A 8 -4.64 -16.95 -22.27
N ASP A 9 -5.67 -17.73 -22.04
CA ASP A 9 -6.42 -18.35 -23.11
C ASP A 9 -7.31 -17.30 -23.73
N GLY A 10 -7.27 -17.20 -25.07
CA GLY A 10 -8.10 -16.24 -25.77
C GLY A 10 -8.91 -16.89 -26.88
N SER A 11 -9.29 -18.16 -26.71
CA SER A 11 -10.03 -18.86 -27.75
C SER A 11 -11.53 -18.53 -27.67
N ASP A 12 -12.30 -19.11 -28.61
CA ASP A 12 -13.75 -18.91 -28.72
C ASP A 12 -14.51 -19.21 -27.44
N SER A 13 -14.13 -20.29 -26.75
CA SER A 13 -14.83 -20.70 -25.53
C SER A 13 -14.73 -19.70 -24.38
N ILE A 14 -13.79 -18.75 -24.48
CA ILE A 14 -13.59 -17.75 -23.43
C ILE A 14 -14.54 -16.56 -23.59
N GLY A 15 -14.48 -15.84 -24.71
CA GLY A 15 -15.36 -14.68 -24.87
C GLY A 15 -14.69 -13.37 -24.50
N ALA A 16 -15.16 -12.30 -25.11
CA ALA A 16 -14.62 -10.96 -24.90
C ALA A 16 -14.63 -10.47 -23.44
N SER A 17 -15.81 -10.43 -22.81
CA SER A 17 -15.89 -9.95 -21.44
C SER A 17 -14.98 -10.69 -20.46
N ASN A 18 -15.07 -12.01 -20.39
CA ASN A 18 -14.24 -12.75 -19.46
C ASN A 18 -12.75 -12.70 -19.82
N PHE A 19 -12.44 -12.53 -21.10
CA PHE A 19 -11.04 -12.43 -21.48
C PHE A 19 -10.51 -11.15 -20.86
N THR A 20 -11.32 -10.09 -20.94
CA THR A 20 -10.97 -8.80 -20.36
C THR A 20 -10.83 -8.96 -18.85
N GLY A 21 -11.83 -9.59 -18.24
CA GLY A 21 -11.81 -9.80 -16.81
C GLY A 21 -10.56 -10.54 -16.36
N ALA A 22 -10.07 -11.45 -17.18
CA ALA A 22 -8.87 -12.23 -16.88
C ALA A 22 -7.65 -11.32 -16.80
N LYS A 23 -7.53 -10.42 -17.77
CA LYS A 23 -6.42 -9.48 -17.80
C LYS A 23 -6.39 -8.66 -16.51
N LYS A 24 -7.58 -8.27 -16.05
CA LYS A 24 -7.73 -7.49 -14.82
C LYS A 24 -7.08 -8.18 -13.62
N VAL A 25 -7.30 -9.48 -13.51
CA VAL A 25 -6.73 -10.27 -12.43
C VAL A 25 -5.21 -10.17 -12.55
N LEU A 26 -4.72 -10.35 -13.76
CA LEU A 26 -3.29 -10.28 -14.02
C LEU A 26 -2.74 -8.89 -13.75
N VAL A 27 -3.50 -7.86 -14.08
CA VAL A 27 -3.08 -6.48 -13.86
C VAL A 27 -2.97 -6.22 -12.35
N ASN A 28 -3.97 -6.67 -11.60
CA ASN A 28 -3.96 -6.51 -10.16
C ASN A 28 -2.80 -7.27 -9.51
N LEU A 29 -2.52 -8.47 -10.05
CA LEU A 29 -1.45 -9.29 -9.52
C LEU A 29 -0.12 -8.56 -9.69
N ILE A 30 0.14 -8.13 -10.92
CA ILE A 30 1.36 -7.41 -11.22
C ILE A 30 1.49 -6.24 -10.25
N GLU A 31 0.40 -5.52 -10.04
CA GLU A 31 0.38 -4.38 -9.16
C GLU A 31 0.65 -4.73 -7.70
N LYS A 32 0.02 -5.79 -7.21
CA LYS A 32 0.23 -6.18 -5.83
C LYS A 32 1.64 -6.74 -5.61
N VAL A 33 2.15 -7.49 -6.58
CA VAL A 33 3.49 -8.03 -6.48
C VAL A 33 4.50 -6.90 -6.40
N ALA A 34 4.34 -5.91 -7.27
CA ALA A 34 5.21 -4.74 -7.30
C ALA A 34 5.18 -3.93 -5.99
N SER A 35 4.00 -3.78 -5.41
CA SER A 35 3.85 -3.02 -4.17
C SER A 35 4.65 -3.63 -3.01
N TYR A 36 5.06 -4.88 -3.16
CA TYR A 36 5.85 -5.54 -2.13
C TYR A 36 7.34 -5.33 -2.36
N GLY A 37 7.68 -4.53 -3.36
CA GLY A 37 9.08 -4.29 -3.66
C GLY A 37 9.73 -5.43 -4.41
N VAL A 38 8.93 -6.36 -4.91
CA VAL A 38 9.44 -7.49 -5.65
C VAL A 38 9.49 -7.16 -7.15
N LYS A 39 10.60 -7.50 -7.80
CA LYS A 39 10.74 -7.26 -9.24
C LYS A 39 11.04 -8.53 -10.01
N PRO A 40 10.00 -9.27 -10.40
CA PRO A 40 10.26 -10.49 -11.15
C PRO A 40 10.33 -10.20 -12.65
N ARG A 41 10.79 -11.18 -13.43
CA ARG A 41 10.85 -11.02 -14.87
C ARG A 41 9.51 -11.62 -15.33
N TYR A 42 8.80 -10.91 -16.19
CA TYR A 42 7.52 -11.40 -16.66
C TYR A 42 7.50 -11.96 -18.07
N GLY A 43 6.61 -12.92 -18.27
CA GLY A 43 6.41 -13.51 -19.57
C GLY A 43 4.92 -13.32 -19.80
N LEU A 44 4.54 -12.81 -20.97
CA LEU A 44 3.11 -12.61 -21.24
C LEU A 44 2.75 -13.31 -22.53
N VAL A 45 1.84 -14.27 -22.43
CA VAL A 45 1.42 -15.05 -23.59
C VAL A 45 -0.09 -15.23 -23.67
N THR A 46 -0.62 -15.15 -24.88
CA THR A 46 -2.04 -15.40 -25.10
C THR A 46 -2.06 -16.59 -26.05
N TYR A 47 -3.17 -17.31 -26.10
CA TYR A 47 -3.21 -18.44 -26.99
C TYR A 47 -4.59 -18.94 -27.38
N ALA A 48 -4.60 -19.60 -28.53
CA ALA A 48 -5.76 -20.22 -29.14
C ALA A 48 -5.10 -21.37 -29.90
N THR A 49 -5.22 -21.36 -31.23
CA THR A 49 -4.59 -22.42 -32.03
C THR A 49 -3.07 -22.35 -31.83
N TYR A 50 -2.56 -21.14 -31.73
CA TYR A 50 -1.13 -20.93 -31.53
C TYR A 50 -0.93 -19.87 -30.45
N PRO A 51 0.28 -19.82 -29.88
CA PRO A 51 0.57 -18.84 -28.84
C PRO A 51 1.08 -17.54 -29.44
N LYS A 52 0.85 -16.44 -28.75
CA LYS A 52 1.35 -15.15 -29.17
C LYS A 52 2.10 -14.65 -27.96
N ILE A 53 3.40 -14.43 -28.13
CA ILE A 53 4.25 -13.95 -27.05
C ILE A 53 4.27 -12.43 -27.09
N TRP A 54 3.81 -11.82 -26.01
CA TRP A 54 3.79 -10.36 -25.91
C TRP A 54 4.99 -9.86 -25.10
N VAL A 55 5.52 -10.72 -24.23
CA VAL A 55 6.68 -10.40 -23.39
C VAL A 55 7.51 -11.65 -23.08
N LYS A 56 8.82 -11.52 -23.19
CA LYS A 56 9.74 -12.62 -22.90
C LYS A 56 10.57 -12.26 -21.68
N VAL A 57 10.79 -13.23 -20.79
CA VAL A 57 11.57 -12.99 -19.58
C VAL A 57 12.95 -12.41 -19.85
N SER A 58 13.52 -12.74 -21.00
CA SER A 58 14.86 -12.24 -21.34
C SER A 58 14.91 -10.75 -21.73
N GLU A 59 13.77 -10.16 -22.06
CA GLU A 59 13.76 -8.73 -22.44
C GLU A 59 14.07 -7.90 -21.20
N ALA A 60 14.96 -6.93 -21.32
CA ALA A 60 15.30 -6.07 -20.20
C ALA A 60 14.03 -5.53 -19.53
N ASP A 61 13.10 -5.03 -20.34
CA ASP A 61 11.85 -4.46 -19.86
C ASP A 61 10.85 -5.42 -19.20
N SER A 62 11.10 -6.72 -19.31
CA SER A 62 10.19 -7.71 -18.72
C SER A 62 10.07 -7.56 -17.20
N SER A 63 11.04 -6.92 -16.56
CA SER A 63 11.01 -6.73 -15.11
C SER A 63 10.50 -5.34 -14.69
N ASN A 64 9.99 -4.58 -15.65
CA ASN A 64 9.46 -3.25 -15.39
C ASN A 64 7.92 -3.37 -15.34
N ALA A 65 7.39 -3.53 -14.14
CA ALA A 65 5.95 -3.71 -13.93
C ALA A 65 5.07 -2.71 -14.69
N ASP A 66 5.53 -1.47 -14.82
CA ASP A 66 4.74 -0.46 -15.55
C ASP A 66 4.65 -0.81 -17.04
N TRP A 67 5.78 -1.22 -17.61
CA TRP A 67 5.83 -1.58 -19.02
C TRP A 67 4.98 -2.82 -19.30
N VAL A 68 5.18 -3.88 -18.52
CA VAL A 68 4.42 -5.10 -18.68
C VAL A 68 2.93 -4.83 -18.53
N THR A 69 2.57 -3.94 -17.61
CA THR A 69 1.16 -3.61 -17.42
C THR A 69 0.63 -2.91 -18.66
N LYS A 70 1.45 -2.04 -19.23
CA LYS A 70 1.07 -1.31 -20.43
C LYS A 70 0.77 -2.31 -21.56
N GLN A 71 1.68 -3.27 -21.76
CA GLN A 71 1.52 -4.29 -22.78
C GLN A 71 0.21 -5.04 -22.57
N LEU A 72 -0.01 -5.50 -21.36
CA LEU A 72 -1.21 -6.26 -21.02
C LEU A 72 -2.47 -5.43 -21.29
N ASN A 73 -2.37 -4.13 -21.12
CA ASN A 73 -3.50 -3.25 -21.36
C ASN A 73 -3.80 -3.08 -22.83
N GLU A 74 -2.75 -3.18 -23.66
CA GLU A 74 -2.90 -2.98 -25.09
C GLU A 74 -3.40 -4.24 -25.79
N ILE A 75 -3.39 -5.36 -25.08
CA ILE A 75 -3.85 -6.61 -25.64
C ILE A 75 -5.35 -6.61 -25.83
N ASN A 76 -5.79 -6.85 -27.06
CA ASN A 76 -7.21 -6.89 -27.39
C ASN A 76 -7.63 -8.30 -27.74
N TYR A 77 -8.77 -8.73 -27.21
CA TYR A 77 -9.28 -10.05 -27.48
C TYR A 77 -9.17 -10.45 -28.95
N GLU A 78 -9.61 -9.56 -29.84
CA GLU A 78 -9.58 -9.82 -31.26
C GLU A 78 -8.17 -9.86 -31.86
N ASP A 79 -7.17 -9.47 -31.08
CA ASP A 79 -5.79 -9.50 -31.56
C ASP A 79 -5.34 -10.93 -31.84
N HIS A 80 -5.74 -11.85 -30.96
CA HIS A 80 -5.34 -13.25 -31.14
C HIS A 80 -6.24 -13.89 -32.17
N LYS A 81 -5.62 -14.52 -33.17
CA LYS A 81 -6.37 -15.14 -34.26
C LYS A 81 -6.64 -16.64 -34.10
N LEU A 82 -7.44 -17.18 -35.01
CA LEU A 82 -7.75 -18.62 -35.02
C LEU A 82 -8.25 -19.09 -33.65
N LYS A 83 -9.38 -18.53 -33.22
CA LYS A 83 -9.99 -18.85 -31.92
C LYS A 83 -10.74 -20.17 -31.90
N SER A 84 -10.91 -20.78 -33.07
CA SER A 84 -11.61 -22.06 -33.18
C SER A 84 -10.82 -23.16 -32.49
N GLY A 85 -9.51 -22.96 -32.38
CA GLY A 85 -8.66 -23.95 -31.75
C GLY A 85 -8.12 -23.54 -30.38
N THR A 86 -7.70 -24.53 -29.61
CA THR A 86 -7.15 -24.31 -28.28
C THR A 86 -6.02 -25.32 -28.03
N ASN A 87 -4.78 -24.86 -28.13
CA ASN A 87 -3.65 -25.75 -27.92
C ASN A 87 -2.86 -25.31 -26.70
N THR A 88 -3.26 -25.80 -25.54
CA THR A 88 -2.61 -25.48 -24.28
C THR A 88 -1.21 -26.07 -24.24
N LYS A 89 -1.03 -27.20 -24.92
CA LYS A 89 0.28 -27.84 -24.94
C LYS A 89 1.29 -26.85 -25.51
N LYS A 90 0.91 -26.22 -26.61
CA LYS A 90 1.78 -25.24 -27.25
C LYS A 90 2.05 -24.05 -26.35
N ALA A 91 1.00 -23.48 -25.80
CA ALA A 91 1.13 -22.33 -24.91
C ALA A 91 2.20 -22.60 -23.87
N LEU A 92 2.21 -23.82 -23.33
CA LEU A 92 3.19 -24.22 -22.33
C LEU A 92 4.57 -24.40 -22.93
N GLN A 93 4.63 -24.73 -24.21
CA GLN A 93 5.91 -24.90 -24.86
C GLN A 93 6.58 -23.54 -25.10
N ALA A 94 5.76 -22.50 -25.21
CA ALA A 94 6.30 -21.17 -25.40
C ALA A 94 6.98 -20.75 -24.09
N VAL A 95 6.46 -21.25 -22.96
CA VAL A 95 7.01 -20.95 -21.66
C VAL A 95 8.32 -21.69 -21.54
N TYR A 96 8.31 -22.92 -22.05
CA TYR A 96 9.49 -23.80 -22.03
C TYR A 96 10.64 -23.09 -22.74
N SER A 97 10.37 -22.55 -23.92
CA SER A 97 11.37 -21.85 -24.72
C SER A 97 12.01 -20.72 -23.93
N MET A 98 11.23 -20.03 -23.11
CA MET A 98 11.74 -18.92 -22.30
C MET A 98 12.69 -19.39 -21.22
N MET A 99 12.53 -20.63 -20.78
CA MET A 99 13.38 -21.21 -19.74
C MET A 99 14.57 -21.91 -20.39
N SER A 100 14.38 -22.39 -21.62
CA SER A 100 15.41 -23.09 -22.36
C SER A 100 16.70 -22.28 -22.53
N TRP A 101 17.84 -22.93 -22.29
CA TRP A 101 19.14 -22.28 -22.40
C TRP A 101 19.92 -22.83 -23.58
N PRO A 102 19.91 -22.11 -24.69
CA PRO A 102 20.64 -22.55 -25.88
C PRO A 102 22.15 -22.34 -25.72
N GLY A 109 23.32 -18.34 -13.33
CA GLY A 109 22.71 -18.90 -12.13
C GLY A 109 21.30 -19.40 -12.38
N TRP A 110 21.16 -20.31 -13.34
CA TRP A 110 19.85 -20.86 -13.68
C TRP A 110 19.19 -21.55 -12.49
N ASN A 111 19.97 -22.28 -11.70
CA ASN A 111 19.41 -23.02 -10.56
C ASN A 111 18.95 -22.19 -9.36
N ARG A 112 19.09 -20.87 -9.44
CA ARG A 112 18.67 -20.01 -8.33
C ARG A 112 17.44 -19.18 -8.65
N THR A 113 16.86 -19.42 -9.83
CA THR A 113 15.69 -18.69 -10.28
C THR A 113 14.40 -19.48 -10.06
N ARG A 114 13.44 -18.86 -9.39
CA ARG A 114 12.15 -19.51 -9.13
C ARG A 114 11.21 -19.27 -10.31
N HIS A 115 10.40 -20.27 -10.64
CA HIS A 115 9.48 -20.11 -11.75
C HIS A 115 8.03 -20.32 -11.36
N VAL A 116 7.19 -19.35 -11.73
CA VAL A 116 5.77 -19.41 -11.43
C VAL A 116 4.96 -19.24 -12.70
N ILE A 117 4.16 -20.25 -13.05
CA ILE A 117 3.33 -20.21 -14.24
C ILE A 117 1.90 -19.97 -13.82
N ILE A 118 1.27 -18.98 -14.43
CA ILE A 118 -0.11 -18.67 -14.12
C ILE A 118 -0.93 -18.80 -15.39
N LEU A 119 -1.59 -19.94 -15.52
CA LEU A 119 -2.41 -20.24 -16.68
C LEU A 119 -3.87 -19.88 -16.47
N MET A 120 -4.46 -19.14 -17.41
CA MET A 120 -5.86 -18.78 -17.29
C MET A 120 -6.59 -19.39 -18.47
N THR A 121 -7.34 -20.44 -18.20
CA THR A 121 -8.06 -21.16 -19.24
C THR A 121 -9.30 -21.85 -18.67
N ASP A 122 -10.16 -22.34 -19.55
CA ASP A 122 -11.36 -23.04 -19.13
C ASP A 122 -11.12 -24.55 -19.14
N GLY A 123 -9.87 -24.94 -19.39
CA GLY A 123 -9.49 -26.34 -19.39
C GLY A 123 -9.86 -27.20 -20.59
N LEU A 124 -10.46 -26.60 -21.61
CA LEU A 124 -10.89 -27.34 -22.78
C LEU A 124 -10.01 -27.27 -24.01
N HIS A 125 -8.84 -27.90 -23.97
CA HIS A 125 -7.96 -27.89 -25.14
C HIS A 125 -8.43 -28.92 -26.16
N ASN A 126 -8.81 -28.45 -27.35
CA ASN A 126 -9.29 -29.33 -28.42
C ASN A 126 -8.22 -29.62 -29.47
N MET A 127 -6.97 -29.26 -29.15
CA MET A 127 -5.84 -29.45 -30.07
C MET A 127 -4.52 -29.75 -29.38
N GLY A 128 -3.65 -30.47 -30.09
CA GLY A 128 -2.35 -30.81 -29.54
C GLY A 128 -2.51 -32.00 -28.63
N GLY A 129 -1.42 -32.45 -28.01
CA GLY A 129 -1.49 -33.59 -27.11
C GLY A 129 -1.81 -33.17 -25.69
N ASP A 130 -1.46 -34.02 -24.72
CA ASP A 130 -1.72 -33.71 -23.33
C ASP A 130 -0.66 -32.75 -22.79
N PRO A 131 -1.07 -31.58 -22.29
CA PRO A 131 -0.22 -30.51 -21.74
C PRO A 131 0.66 -30.93 -20.57
N ILE A 132 0.24 -31.94 -19.80
CA ILE A 132 1.02 -32.41 -18.65
C ILE A 132 2.45 -32.70 -19.09
N THR A 133 2.58 -33.19 -20.31
CA THR A 133 3.85 -33.51 -20.92
C THR A 133 4.87 -32.40 -20.75
N VAL A 134 4.48 -31.20 -21.17
CA VAL A 134 5.34 -30.03 -21.10
C VAL A 134 5.77 -29.74 -19.65
N ILE A 135 4.85 -29.90 -18.70
CA ILE A 135 5.18 -29.66 -17.31
C ILE A 135 6.27 -30.63 -16.91
N ASP A 136 6.13 -31.87 -17.36
CA ASP A 136 7.14 -32.89 -17.10
C ASP A 136 8.45 -32.43 -17.71
N GLU A 137 8.40 -31.98 -18.96
CA GLU A 137 9.61 -31.53 -19.62
C GLU A 137 10.25 -30.40 -18.81
N ILE A 138 9.43 -29.43 -18.43
CA ILE A 138 9.88 -28.27 -17.65
C ILE A 138 10.55 -28.69 -16.35
N ARG A 139 9.92 -29.60 -15.61
CA ARG A 139 10.52 -30.05 -14.35
C ARG A 139 11.86 -30.70 -14.66
N ASP A 140 11.90 -31.49 -15.72
CA ASP A 140 13.13 -32.14 -16.10
C ASP A 140 14.20 -31.07 -16.36
N LEU A 141 13.85 -30.10 -17.20
CA LEU A 141 14.76 -29.02 -17.54
C LEU A 141 15.31 -28.28 -16.32
N LEU A 142 14.45 -28.05 -15.32
CA LEU A 142 14.83 -27.32 -14.11
C LEU A 142 15.40 -28.25 -13.03
N TYR A 143 15.56 -29.53 -13.40
CA TYR A 143 16.09 -30.52 -12.46
C TYR A 143 15.29 -30.43 -11.17
N ILE A 144 14.01 -30.74 -11.27
CA ILE A 144 13.11 -30.73 -10.12
C ILE A 144 12.61 -32.14 -9.91
N GLY A 145 12.65 -32.61 -8.67
CA GLY A 145 12.19 -33.95 -8.38
C GLY A 145 13.22 -35.00 -8.78
N LYS A 146 14.50 -34.62 -8.77
CA LYS A 146 15.59 -35.53 -9.11
C LYS A 146 16.21 -36.09 -7.83
N ASP A 147 17.06 -35.32 -7.17
CA ASP A 147 17.69 -35.79 -5.93
C ASP A 147 16.72 -35.62 -4.75
N ARG A 148 16.49 -36.70 -4.02
CA ARG A 148 15.59 -36.65 -2.86
C ARG A 148 16.29 -36.01 -1.66
N ASN A 150 17.87 -33.37 -3.12
CA ASN A 150 17.45 -31.98 -3.26
C ASN A 150 16.38 -31.76 -4.36
N PRO A 151 15.10 -32.04 -4.03
CA PRO A 151 13.93 -31.92 -4.91
C PRO A 151 13.81 -30.64 -5.73
N ARG A 152 14.01 -29.49 -5.09
CA ARG A 152 13.90 -28.21 -5.78
C ARG A 152 12.48 -27.94 -6.22
N GLU A 153 11.52 -28.43 -5.45
CA GLU A 153 10.11 -28.22 -5.78
C GLU A 153 9.73 -26.75 -5.64
N ASP A 154 10.47 -26.05 -4.79
CA ASP A 154 10.24 -24.64 -4.56
C ASP A 154 10.55 -23.77 -5.77
N TYR A 155 11.16 -24.34 -6.79
CA TYR A 155 11.52 -23.55 -7.97
C TYR A 155 10.50 -23.52 -9.09
N LEU A 156 9.39 -24.21 -8.88
CA LEU A 156 8.33 -24.23 -9.85
C LEU A 156 6.95 -24.23 -9.19
N ASP A 157 6.05 -23.47 -9.77
CA ASP A 157 4.67 -23.38 -9.31
C ASP A 157 3.82 -23.23 -10.55
N VAL A 158 2.82 -24.09 -10.69
CA VAL A 158 1.92 -24.01 -11.81
C VAL A 158 0.53 -23.73 -11.23
N TYR A 159 0.06 -22.51 -11.42
CA TYR A 159 -1.24 -22.08 -10.96
C TYR A 159 -2.17 -22.04 -12.16
N VAL A 160 -3.39 -22.52 -11.96
CA VAL A 160 -4.38 -22.52 -13.03
C VAL A 160 -5.65 -21.82 -12.55
N PHE A 161 -6.05 -20.78 -13.27
CA PHE A 161 -7.24 -20.02 -12.94
C PHE A 161 -8.33 -20.34 -13.94
N GLY A 162 -9.31 -21.12 -13.50
CA GLY A 162 -10.40 -21.50 -14.38
C GLY A 162 -11.27 -20.31 -14.76
N VAL A 163 -11.32 -20.01 -16.04
CA VAL A 163 -12.11 -18.89 -16.54
C VAL A 163 -13.49 -19.31 -17.05
N GLY A 164 -14.50 -18.53 -16.67
CA GLY A 164 -15.86 -18.78 -17.10
C GLY A 164 -16.69 -19.74 -16.28
N PRO A 165 -17.96 -19.96 -16.68
CA PRO A 165 -18.97 -20.84 -16.04
C PRO A 165 -18.86 -22.30 -16.45
N LEU A 166 -18.44 -22.54 -17.68
CA LEU A 166 -18.32 -23.90 -18.20
C LEU A 166 -16.86 -24.32 -18.21
N VAL A 167 -16.38 -24.69 -17.04
CA VAL A 167 -14.99 -25.10 -16.87
C VAL A 167 -14.88 -26.59 -16.61
N ASN A 168 -13.79 -27.19 -17.10
CA ASN A 168 -13.52 -28.62 -16.92
C ASN A 168 -12.56 -28.81 -15.75
N GLN A 169 -13.10 -28.85 -14.53
CA GLN A 169 -12.23 -28.92 -13.34
C GLN A 169 -11.16 -30.01 -13.38
N VAL A 170 -11.44 -31.12 -14.06
CA VAL A 170 -10.47 -32.21 -14.11
C VAL A 170 -9.17 -31.81 -14.78
N ASN A 171 -9.24 -31.26 -15.99
CA ASN A 171 -8.04 -30.87 -16.72
C ASN A 171 -7.23 -29.80 -15.99
N ILE A 172 -7.94 -28.85 -15.39
CA ILE A 172 -7.32 -27.77 -14.64
C ILE A 172 -6.56 -28.28 -13.44
N ASN A 173 -7.16 -29.25 -12.74
CA ASN A 173 -6.56 -29.86 -11.58
C ASN A 173 -5.31 -30.61 -12.01
N ALA A 174 -5.41 -31.24 -13.16
CA ALA A 174 -4.32 -32.03 -13.71
C ALA A 174 -3.01 -31.28 -13.92
N LEU A 175 -3.07 -30.05 -14.42
CA LEU A 175 -1.85 -29.29 -14.69
C LEU A 175 -1.27 -28.51 -13.52
N ALA A 176 -2.11 -28.13 -12.56
CA ALA A 176 -1.64 -27.33 -11.45
C ALA A 176 -0.69 -28.07 -10.51
N SER A 177 0.20 -27.33 -9.89
CA SER A 177 1.13 -27.90 -8.92
C SER A 177 0.31 -28.59 -7.83
N LYS A 178 0.93 -29.55 -7.14
CA LYS A 178 0.26 -30.27 -6.09
C LYS A 178 1.15 -30.26 -4.86
N LYS A 179 1.06 -29.18 -4.10
CA LYS A 179 1.86 -29.01 -2.91
C LYS A 179 1.00 -28.95 -1.64
N ASP A 180 1.42 -29.73 -0.65
CA ASP A 180 0.73 -29.82 0.63
C ASP A 180 0.46 -28.48 1.27
N ASN A 181 -0.70 -28.35 1.89
CA ASN A 181 -1.07 -27.10 2.56
C ASN A 181 -1.19 -25.93 1.61
N GLU A 182 -1.26 -26.19 0.30
CA GLU A 182 -1.37 -25.12 -0.68
C GLU A 182 -2.43 -25.37 -1.74
N GLN A 183 -2.93 -24.29 -2.31
CA GLN A 183 -3.95 -24.36 -3.35
C GLN A 183 -3.34 -23.76 -4.62
N HIS A 184 -3.48 -24.45 -5.73
CA HIS A 184 -2.94 -23.96 -6.97
C HIS A 184 -4.00 -23.84 -8.03
N VAL A 185 -5.22 -24.15 -7.64
CA VAL A 185 -6.33 -24.07 -8.57
C VAL A 185 -7.37 -23.14 -7.97
N CYS A 186 -7.87 -22.23 -8.81
CA CYS A 186 -8.87 -21.27 -8.36
C CYS A 186 -9.78 -20.91 -9.51
N LYS A 187 -11.07 -20.83 -9.21
CA LYS A 187 -12.04 -20.39 -10.18
C LYS A 187 -11.80 -18.87 -10.11
N VAL A 188 -11.83 -18.18 -11.24
CA VAL A 188 -11.59 -16.73 -11.25
C VAL A 188 -12.59 -15.90 -10.46
N LYS A 189 -13.85 -16.32 -10.43
CA LYS A 189 -14.87 -15.58 -9.70
C LYS A 189 -14.60 -15.67 -8.18
N ASP A 190 -13.93 -16.74 -7.77
CA ASP A 190 -13.62 -16.95 -6.36
C ASP A 190 -12.45 -16.05 -5.95
N MET A 191 -12.78 -14.99 -5.21
CA MET A 191 -11.77 -14.03 -4.78
C MET A 191 -11.01 -14.44 -3.53
N GLU A 192 -11.60 -15.31 -2.72
CA GLU A 192 -10.93 -15.78 -1.52
C GLU A 192 -9.70 -16.57 -1.95
N CYS A 193 -9.96 -17.48 -2.90
CA CYS A 193 -8.95 -18.36 -3.44
C CYS A 193 -7.84 -17.56 -4.11
N LEU A 194 -8.21 -16.57 -4.91
CA LEU A 194 -7.21 -15.76 -5.59
C LEU A 194 -6.39 -14.95 -4.60
N GLU A 195 -7.03 -14.56 -3.50
CA GLU A 195 -6.36 -13.79 -2.50
C GLU A 195 -5.33 -14.69 -1.83
N ASP A 196 -5.73 -15.94 -1.57
CA ASP A 196 -4.84 -16.90 -0.92
C ASP A 196 -3.61 -17.20 -1.76
N VAL A 197 -3.80 -17.36 -3.06
CA VAL A 197 -2.69 -17.64 -3.95
C VAL A 197 -1.58 -16.60 -3.75
N PHE A 198 -1.93 -15.32 -3.83
CA PHE A 198 -0.94 -14.27 -3.67
C PHE A 198 0.02 -14.49 -2.50
N TYR A 199 -0.54 -14.76 -1.33
CA TYR A 199 0.26 -14.95 -0.13
C TYR A 199 1.09 -16.23 -0.13
N GLN A 200 0.85 -17.11 -1.11
CA GLN A 200 1.63 -18.33 -1.24
C GLN A 200 2.82 -18.02 -2.16
N MET A 201 2.62 -17.05 -3.05
CA MET A 201 3.62 -16.65 -4.03
C MET A 201 4.68 -15.71 -3.51
N ILE A 202 4.27 -14.75 -2.69
CA ILE A 202 5.21 -13.75 -2.17
C ILE A 202 5.59 -14.00 -0.73
N ASP A 203 6.86 -13.79 -0.43
CA ASP A 203 7.39 -13.99 0.90
C ASP A 203 7.31 -12.73 1.77
N GLU A 204 6.36 -12.72 2.69
CA GLU A 204 6.15 -11.61 3.61
C GLU A 204 7.45 -11.17 4.27
N SER A 205 8.21 -12.13 4.79
CA SER A 205 9.47 -11.85 5.47
C SER A 205 10.36 -10.83 4.75
N GLN A 206 10.41 -10.90 3.42
CA GLN A 206 11.23 -9.99 2.62
C GLN A 206 10.70 -8.56 2.53
N SER A 207 9.49 -8.31 3.05
CA SER A 207 8.92 -6.98 2.99
C SER A 207 8.60 -6.32 4.33
N LEU A 208 9.04 -6.94 5.42
CA LEU A 208 8.77 -6.39 6.75
C LEU A 208 9.44 -5.06 7.03
N SER A 209 10.55 -4.81 6.35
CA SER A 209 11.27 -3.57 6.57
C SER A 209 10.71 -2.46 5.68
N LEU A 210 9.58 -2.74 5.05
CA LEU A 210 8.97 -1.75 4.15
C LEU A 210 7.91 -0.85 4.80
N CYS A 211 8.08 0.45 4.62
CA CYS A 211 7.14 1.42 5.17
C CYS A 211 5.87 1.46 4.34
N GLY A 212 4.78 1.90 4.95
CA GLY A 212 3.51 2.01 4.25
C GLY A 212 2.91 0.72 3.75
N MET A 213 3.31 -0.39 4.36
CA MET A 213 2.82 -1.72 4.00
C MET A 213 1.59 -2.09 4.81
N VAL A 214 0.69 -2.86 4.19
CA VAL A 214 -0.52 -3.32 4.87
C VAL A 214 -0.84 -4.74 4.42
N TRP A 215 -1.24 -5.59 5.36
CA TRP A 215 -1.62 -6.96 5.07
C TRP A 215 -3.12 -6.81 4.81
N GLU A 216 -3.53 -6.93 3.54
CA GLU A 216 -4.94 -6.74 3.18
C GLU A 216 -5.87 -7.94 3.14
N HIS A 217 -5.35 -9.13 3.45
CA HIS A 217 -6.17 -10.33 3.45
C HIS A 217 -7.49 -10.12 4.20
N ARG A 218 -8.53 -10.81 3.74
CA ARG A 218 -9.87 -10.71 4.34
C ARG A 218 -9.93 -11.11 5.82
N LYS A 219 -9.01 -11.97 6.25
CA LYS A 219 -8.98 -12.40 7.65
C LYS A 219 -8.32 -11.39 8.58
N GLY A 220 -7.71 -10.36 8.00
CA GLY A 220 -7.03 -9.34 8.78
C GLY A 220 -7.95 -8.50 9.66
N THR A 221 -7.40 -8.02 10.77
CA THR A 221 -8.12 -7.19 11.72
C THR A 221 -7.88 -5.69 11.46
N ASP A 222 -8.28 -4.86 12.42
CA ASP A 222 -8.11 -3.42 12.32
C ASP A 222 -6.64 -3.08 12.40
N TYR A 223 -5.90 -3.87 13.17
CA TYR A 223 -4.48 -3.65 13.38
C TYR A 223 -3.71 -4.09 12.14
N HIS A 224 -4.28 -5.04 11.40
CA HIS A 224 -3.64 -5.49 10.16
C HIS A 224 -3.81 -4.38 9.13
N LYS A 225 -5.02 -3.82 9.08
CA LYS A 225 -5.34 -2.77 8.12
C LYS A 225 -4.70 -1.40 8.40
N GLN A 226 -4.37 -1.13 9.67
CA GLN A 226 -3.72 0.12 10.05
C GLN A 226 -2.60 -0.23 11.02
N PRO A 227 -1.57 -0.92 10.53
CA PRO A 227 -0.38 -1.38 11.27
C PRO A 227 0.46 -0.31 11.93
N TRP A 228 0.43 0.90 11.38
CA TRP A 228 1.22 2.01 11.90
C TRP A 228 0.50 2.73 13.03
N GLN A 229 -0.82 2.56 13.08
CA GLN A 229 -1.66 3.20 14.06
C GLN A 229 -1.23 2.92 15.49
N ALA A 230 -1.11 3.99 16.28
CA ALA A 230 -0.71 3.88 17.68
C ALA A 230 -1.65 4.73 18.54
N LYS A 231 -2.30 4.10 19.52
CA LYS A 231 -3.22 4.83 20.40
C LYS A 231 -2.40 5.34 21.59
N ILE A 232 -2.69 6.57 22.02
CA ILE A 232 -1.97 7.17 23.14
C ILE A 232 -2.89 7.64 24.28
N SER A 233 -2.50 7.30 25.51
CA SER A 233 -3.26 7.68 26.71
C SER A 233 -2.42 8.55 27.62
N VAL A 234 -3.07 9.54 28.25
CA VAL A 234 -2.40 10.43 29.20
C VAL A 234 -3.30 10.55 30.43
N ILE A 235 -2.83 10.02 31.56
CA ILE A 235 -3.61 10.07 32.80
C ILE A 235 -3.29 11.32 33.62
N ARG A 236 -4.34 12.03 34.03
CA ARG A 236 -4.17 13.27 34.78
C ARG A 236 -4.92 13.30 36.12
N LYS A 239 -7.02 15.53 36.92
CA LYS A 239 -7.68 16.19 35.79
C LYS A 239 -8.14 15.17 34.75
N GLY A 240 -8.79 15.66 33.69
CA GLY A 240 -9.30 14.77 32.66
C GLY A 240 -8.24 14.01 31.88
N HIS A 241 -8.52 12.74 31.56
CA HIS A 241 -7.58 11.89 30.79
C HIS A 241 -7.69 12.17 29.31
N GLU A 242 -6.54 12.42 28.69
CA GLU A 242 -6.50 12.71 27.27
C GLU A 242 -6.25 11.46 26.40
N SER A 243 -6.78 11.52 25.19
CA SER A 243 -6.63 10.44 24.23
C SER A 243 -6.17 11.00 22.88
N CYS A 244 -5.15 10.40 22.31
CA CYS A 244 -4.63 10.84 21.01
C CYS A 244 -4.14 9.67 20.17
N MET A 245 -4.02 9.91 18.86
CA MET A 245 -3.52 8.90 17.95
C MET A 245 -2.10 9.31 17.54
N GLY A 246 -1.41 8.41 16.85
CA GLY A 246 -0.07 8.69 16.38
C GLY A 246 0.29 7.63 15.36
N ALA A 247 1.49 7.74 14.80
CA ALA A 247 1.94 6.77 13.82
C ALA A 247 3.34 6.28 14.12
N VAL A 248 3.58 5.01 13.84
CA VAL A 248 4.90 4.42 14.03
C VAL A 248 5.73 4.84 12.83
N VAL A 249 6.82 5.54 13.06
CA VAL A 249 7.67 5.97 11.96
C VAL A 249 8.99 5.21 11.95
N SER A 250 9.27 4.52 13.05
CA SER A 250 10.46 3.70 13.18
C SER A 250 10.28 2.80 14.39
N GLU A 251 11.26 1.92 14.65
CA GLU A 251 11.20 0.98 15.76
C GLU A 251 11.20 1.64 17.15
N TYR A 252 11.64 2.90 17.21
CA TYR A 252 11.71 3.63 18.48
C TYR A 252 10.78 4.85 18.57
N PHE A 253 10.33 5.34 17.41
CA PHE A 253 9.49 6.54 17.40
C PHE A 253 8.07 6.46 16.89
N VAL A 254 7.23 7.27 17.52
CA VAL A 254 5.82 7.42 17.17
C VAL A 254 5.60 8.92 16.98
N LEU A 255 5.13 9.32 15.80
CA LEU A 255 4.86 10.72 15.48
C LEU A 255 3.45 11.09 15.87
N THR A 256 3.28 12.22 16.56
CA THR A 256 1.95 12.65 17.00
C THR A 256 1.85 14.19 17.09
N ALA A 257 0.79 14.67 17.73
CA ALA A 257 0.61 16.12 17.89
C ALA A 257 1.13 16.56 19.24
N ALA A 258 1.80 17.71 19.25
CA ALA A 258 2.37 18.26 20.47
C ALA A 258 1.33 18.63 21.52
N HIS A 259 0.20 19.21 21.09
CA HIS A 259 -0.83 19.63 22.02
C HIS A 259 -1.50 18.50 22.78
N CYS A 260 -1.08 17.27 22.50
CA CYS A 260 -1.63 16.13 23.20
C CYS A 260 -0.96 16.01 24.58
N PHE A 261 0.13 16.76 24.76
CA PHE A 261 0.86 16.75 26.02
C PHE A 261 1.15 18.14 26.55
N THR A 262 1.68 18.17 27.77
CA THR A 262 2.08 19.41 28.44
C THR A 262 3.37 19.15 29.20
N VAL A 263 4.17 20.19 29.40
CA VAL A 263 5.42 20.02 30.13
C VAL A 263 5.13 19.47 31.53
N ASP A 264 3.86 19.49 31.90
CA ASP A 264 3.42 18.98 33.20
C ASP A 264 3.07 17.49 33.20
N ASP A 265 2.90 16.90 32.02
CA ASP A 265 2.60 15.47 31.94
C ASP A 265 3.91 14.72 32.18
N LYS A 266 3.90 13.77 33.09
CA LYS A 266 5.12 13.02 33.36
C LYS A 266 5.24 11.75 32.51
N GLU A 267 6.46 11.45 32.11
CA GLU A 267 6.71 10.28 31.27
C GLU A 267 5.84 9.07 31.60
N HIS A 268 5.81 8.68 32.88
CA HIS A 268 5.05 7.51 33.29
C HIS A 268 3.54 7.64 33.19
N SER A 269 3.04 8.87 33.12
CA SER A 269 1.59 9.07 33.01
C SER A 269 1.14 8.96 31.56
N ILE A 270 2.12 8.72 30.67
CA ILE A 270 1.87 8.58 29.24
C ILE A 270 2.08 7.13 28.80
N LYS A 271 1.08 6.54 28.15
CA LYS A 271 1.18 5.17 27.68
C LYS A 271 0.81 5.04 26.21
N VAL A 272 1.50 4.13 25.51
CA VAL A 272 1.26 3.93 24.10
C VAL A 272 0.80 2.50 23.81
N SER A 273 -0.14 2.37 22.88
CA SER A 273 -0.70 1.08 22.49
C SER A 273 -0.64 0.86 20.98
N VAL A 274 -0.02 -0.25 20.56
CA VAL A 274 0.12 -0.59 19.14
C VAL A 274 -0.13 -2.07 18.86
N GLY A 275 -0.36 -2.37 17.59
CA GLY A 275 -0.56 -3.74 17.14
C GLY A 275 -1.65 -4.62 17.69
N GLY A 276 -2.60 -4.05 18.41
CA GLY A 276 -3.68 -4.84 18.97
C GLY A 276 -3.25 -5.64 20.18
N GLU A 277 -2.20 -5.16 20.87
CA GLU A 277 -1.70 -5.83 22.07
C GLU A 277 -2.44 -5.36 23.33
N LYS A 278 -2.70 -6.30 24.23
CA LYS A 278 -3.39 -6.04 25.49
C LYS A 278 -2.61 -5.01 26.33
N ARG A 279 -1.30 -5.24 26.43
CA ARG A 279 -0.39 -4.40 27.19
C ARG A 279 -0.20 -3.01 26.60
N ASP A 280 0.36 -2.13 27.41
CA ASP A 280 0.65 -0.77 27.01
C ASP A 280 2.15 -0.63 26.98
N LEU A 281 2.64 0.36 26.25
CA LEU A 281 4.08 0.57 26.15
C LEU A 281 4.55 1.77 26.99
N GLU A 282 5.82 1.71 27.41
CA GLU A 282 6.40 2.78 28.20
C GLU A 282 7.31 3.60 27.30
N ILE A 283 7.27 4.92 27.47
CA ILE A 283 8.07 5.81 26.66
C ILE A 283 9.29 6.29 27.43
N GLU A 284 10.29 6.75 26.71
CA GLU A 284 11.48 7.27 27.34
C GLU A 284 11.28 8.76 27.55
N VAL A 285 10.88 9.45 26.49
CA VAL A 285 10.67 10.89 26.53
C VAL A 285 9.84 11.34 25.34
N VAL A 286 9.29 12.55 25.43
CA VAL A 286 8.48 13.13 24.36
C VAL A 286 9.27 14.27 23.76
N LEU A 287 9.44 14.27 22.44
CA LEU A 287 10.16 15.35 21.80
C LEU A 287 9.21 16.27 21.05
N PHE A 288 8.95 17.45 21.61
CA PHE A 288 8.10 18.45 20.96
C PHE A 288 8.91 19.20 19.95
N HIS A 289 8.25 19.70 18.90
CA HIS A 289 8.96 20.49 17.91
C HIS A 289 9.36 21.78 18.64
N PRO A 290 10.64 22.14 18.58
CA PRO A 290 11.13 23.35 19.26
C PRO A 290 10.31 24.63 19.03
N ASN A 291 9.68 24.75 17.87
CA ASN A 291 8.88 25.95 17.55
C ASN A 291 7.43 25.93 18.04
N TYR A 292 6.99 24.81 18.60
CA TYR A 292 5.63 24.69 19.11
C TYR A 292 5.45 25.53 20.36
N ASN A 293 4.50 26.45 20.32
CA ASN A 293 4.24 27.33 21.46
C ASN A 293 2.77 27.68 21.39
N ILE A 294 1.96 26.95 22.14
CA ILE A 294 0.53 27.17 22.14
C ILE A 294 0.13 28.57 22.63
N ASN A 295 1.05 29.28 23.28
CA ASN A 295 0.74 30.64 23.77
C ASN A 295 1.52 31.75 23.08
N GLY A 296 2.20 31.42 22.00
CA GLY A 296 2.99 32.42 21.29
C GLY A 296 2.29 33.46 20.43
N LYS A 297 0.96 33.37 20.29
CA LYS A 297 0.24 34.35 19.46
C LYS A 297 -1.03 34.93 20.08
N LYS A 298 -1.13 34.92 21.40
CA LYS A 298 -2.33 35.46 22.07
C LYS A 298 -2.54 36.93 21.75
N GLU A 299 -1.44 37.68 21.71
CA GLU A 299 -1.45 39.10 21.42
C GLU A 299 -2.06 39.38 20.05
N ALA A 300 -1.70 38.55 19.08
CA ALA A 300 -2.22 38.66 17.72
C ALA A 300 -3.65 38.13 17.66
N GLY A 301 -4.23 37.85 18.81
CA GLY A 301 -5.60 37.37 18.86
C GLY A 301 -5.75 35.89 18.61
N ILE A 302 -4.75 35.10 19.00
CA ILE A 302 -4.79 33.66 18.80
C ILE A 302 -4.58 32.94 20.13
N PRO A 303 -5.67 32.59 20.82
CA PRO A 303 -5.62 31.90 22.13
C PRO A 303 -4.74 30.65 22.12
N GLU A 304 -5.11 29.70 21.28
CA GLU A 304 -4.37 28.45 21.12
C GLU A 304 -3.65 28.59 19.79
N PHE A 305 -2.35 28.35 19.77
CA PHE A 305 -1.57 28.45 18.53
C PHE A 305 -0.99 27.08 18.18
N TYR A 306 -1.48 26.48 17.09
CA TYR A 306 -1.03 25.14 16.72
C TYR A 306 0.06 25.04 15.67
N ASP A 307 0.78 26.13 15.43
CA ASP A 307 1.86 26.08 14.47
C ASP A 307 2.88 25.06 15.01
N TYR A 308 3.47 24.27 14.12
CA TYR A 308 4.45 23.24 14.49
C TYR A 308 3.93 22.27 15.56
N ASP A 309 2.65 21.90 15.45
CA ASP A 309 1.99 21.02 16.40
C ASP A 309 2.40 19.53 16.24
N VAL A 310 3.69 19.26 16.29
CA VAL A 310 4.17 17.89 16.12
C VAL A 310 5.09 17.47 17.26
N ALA A 311 5.08 16.19 17.56
CA ALA A 311 5.91 15.66 18.63
C ALA A 311 6.30 14.23 18.32
N LEU A 312 7.49 13.86 18.76
CA LEU A 312 7.98 12.51 18.54
C LEU A 312 8.17 11.80 19.87
N ILE A 313 7.36 10.76 20.10
CA ILE A 313 7.45 9.97 21.32
C ILE A 313 8.47 8.86 21.15
N LYS A 314 9.52 8.88 21.95
CA LYS A 314 10.49 7.81 21.86
C LYS A 314 10.14 6.76 22.89
N LEU A 315 9.92 5.53 22.42
CA LEU A 315 9.57 4.44 23.29
C LEU A 315 10.79 3.94 24.05
N LYS A 316 10.57 3.31 25.20
CA LYS A 316 11.67 2.77 25.98
C LYS A 316 12.21 1.55 25.26
N ASN A 317 11.29 0.70 24.80
CA ASN A 317 11.66 -0.52 24.10
C ASN A 317 11.55 -0.39 22.58
N LYS A 318 12.48 -1.03 21.87
CA LYS A 318 12.50 -1.02 20.43
C LYS A 318 11.44 -1.99 19.89
N LEU A 319 10.57 -1.50 19.00
CA LEU A 319 9.51 -2.30 18.39
C LEU A 319 10.07 -3.22 17.33
N LYS A 320 9.33 -4.29 17.03
CA LYS A 320 9.72 -5.22 15.99
C LYS A 320 8.58 -5.21 14.98
N TYR A 321 8.90 -5.13 13.71
CA TYR A 321 7.86 -5.08 12.69
C TYR A 321 7.21 -6.42 12.42
N GLY A 322 5.88 -6.41 12.41
CA GLY A 322 5.11 -7.61 12.15
C GLY A 322 3.93 -7.20 11.29
N GLN A 323 2.97 -8.11 11.13
CA GLN A 323 1.78 -7.84 10.33
C GLN A 323 0.80 -6.90 11.03
N THR A 324 1.04 -6.63 12.30
CA THR A 324 0.18 -5.74 13.07
C THR A 324 0.94 -4.49 13.54
N ILE A 325 2.24 -4.45 13.29
CA ILE A 325 3.02 -3.30 13.70
C ILE A 325 4.07 -2.97 12.64
N ARG A 326 3.79 -1.93 11.86
CA ARG A 326 4.69 -1.52 10.80
C ARG A 326 4.78 -0.01 10.76
N PRO A 327 5.92 0.51 10.26
CA PRO A 327 6.08 1.96 10.17
C PRO A 327 5.39 2.48 8.92
N ILE A 328 4.98 3.74 8.94
CA ILE A 328 4.37 4.34 7.76
C ILE A 328 5.47 5.14 7.07
N CYS A 329 5.34 5.37 5.77
CA CYS A 329 6.36 6.13 5.04
C CYS A 329 6.30 7.63 5.34
N LEU A 330 7.49 8.23 5.40
CA LEU A 330 7.61 9.65 5.66
C LEU A 330 8.11 10.40 4.40
N PRO A 331 7.65 11.65 4.22
CA PRO A 331 8.06 12.45 3.07
C PRO A 331 9.58 12.57 2.95
N CYS A 332 10.03 12.68 1.69
CA CYS A 332 11.44 12.84 1.37
C CYS A 332 12.45 11.88 2.00
N THR A 333 12.11 10.60 1.99
CA THR A 333 12.99 9.55 2.51
C THR A 333 13.16 8.53 1.40
N GLU A 334 14.18 7.69 1.51
CA GLU A 334 14.41 6.67 0.49
C GLU A 334 13.30 5.63 0.48
N GLY A 335 12.60 5.51 1.60
CA GLY A 335 11.52 4.55 1.70
C GLY A 335 10.36 4.97 0.80
N THR A 336 10.05 6.25 0.83
CA THR A 336 8.95 6.78 0.03
C THR A 336 9.28 6.71 -1.46
N THR A 337 10.55 6.89 -1.80
CA THR A 337 10.98 6.83 -3.19
C THR A 337 10.72 5.43 -3.74
N ARG A 338 11.17 4.42 -3.01
CA ARG A 338 10.98 3.04 -3.43
C ARG A 338 9.50 2.67 -3.40
N ALA A 339 8.78 3.13 -2.39
CA ALA A 339 7.37 2.83 -2.27
C ALA A 339 6.64 3.42 -3.48
N LEU A 340 7.14 4.54 -3.97
CA LEU A 340 6.55 5.20 -5.12
C LEU A 340 7.13 4.68 -6.44
N ARG A 341 8.03 3.71 -6.34
CA ARG A 341 8.66 3.11 -7.52
C ARG A 341 9.31 4.17 -8.38
N LEU A 342 10.19 4.95 -7.75
CA LEU A 342 10.88 6.01 -8.45
C LEU A 342 12.37 5.77 -8.40
N PRO A 343 13.10 6.30 -9.41
CA PRO A 343 14.55 6.16 -9.49
C PRO A 343 15.26 6.76 -8.27
N PRO A 344 16.43 6.20 -7.91
CA PRO A 344 17.21 6.67 -6.76
C PRO A 344 17.72 8.09 -6.93
N THR A 345 17.33 8.76 -8.00
CA THR A 345 17.78 10.13 -8.22
C THR A 345 16.62 11.09 -7.97
N THR A 346 15.54 10.56 -7.42
CA THR A 346 14.36 11.37 -7.11
C THR A 346 14.65 12.36 -5.99
N THR A 347 14.07 13.55 -6.10
CA THR A 347 14.29 14.57 -5.08
C THR A 347 13.08 14.76 -4.18
N CYS A 348 13.34 15.47 -3.07
CA CYS A 348 12.31 15.79 -2.10
C CYS A 348 11.22 16.54 -2.85
N GLN A 349 11.65 17.52 -3.64
CA GLN A 349 10.72 18.33 -4.41
C GLN A 349 9.87 17.46 -5.32
N GLN A 350 10.48 16.49 -5.98
CA GLN A 350 9.72 15.62 -6.86
C GLN A 350 8.69 14.80 -6.09
N GLN A 351 9.10 14.29 -4.93
CA GLN A 351 8.19 13.51 -4.09
C GLN A 351 6.98 14.38 -3.73
N LYS A 352 7.26 15.64 -3.43
CA LYS A 352 6.23 16.61 -3.07
C LYS A 352 5.26 16.86 -4.21
N GLU A 353 5.80 17.09 -5.40
CA GLU A 353 4.96 17.33 -6.58
C GLU A 353 4.09 16.10 -6.84
N GLU A 354 4.61 14.93 -6.49
CA GLU A 354 3.89 13.68 -6.67
C GLU A 354 2.85 13.42 -5.58
N LEU A 355 3.24 13.62 -4.33
CA LEU A 355 2.35 13.39 -3.19
C LEU A 355 1.38 14.55 -2.93
N LEU A 356 1.89 15.78 -3.05
CA LEU A 356 1.04 16.96 -2.82
C LEU A 356 1.03 17.90 -4.02
N PRO A 357 0.17 17.63 -5.01
CA PRO A 357 0.08 18.47 -6.20
C PRO A 357 -0.84 19.66 -5.92
N ALA A 358 -0.78 20.66 -6.79
CA ALA A 358 -1.63 21.84 -6.62
C ALA A 358 -3.04 21.51 -7.07
N GLN A 359 -3.84 20.97 -6.15
CA GLN A 359 -5.23 20.61 -6.47
C GLN A 359 -5.91 19.95 -5.28
N ASP A 360 -7.06 19.34 -5.51
CA ASP A 360 -7.75 18.63 -4.45
C ASP A 360 -7.13 17.24 -4.35
N ILE A 361 -6.37 17.00 -3.29
CA ILE A 361 -5.70 15.73 -3.12
C ILE A 361 -6.50 14.73 -2.31
N LYS A 362 -6.68 13.55 -2.90
CA LYS A 362 -7.40 12.45 -2.26
C LYS A 362 -6.52 11.85 -1.17
N ALA A 363 -7.00 11.92 0.07
CA ALA A 363 -6.26 11.39 1.20
C ALA A 363 -7.19 10.76 2.22
N LEU A 364 -6.63 10.26 3.32
CA LEU A 364 -7.45 9.62 4.33
C LEU A 364 -6.79 9.73 5.67
N PHE A 365 -7.55 9.43 6.71
CA PHE A 365 -7.03 9.43 8.06
C PHE A 365 -7.80 8.34 8.79
N VAL A 366 -7.26 7.87 9.92
CA VAL A 366 -7.90 6.81 10.66
C VAL A 366 -8.56 7.32 11.93
N SER A 367 -9.71 6.74 12.24
CA SER A 367 -10.46 7.12 13.42
C SER A 367 -11.07 5.93 14.11
N GLU A 368 -11.01 5.95 15.43
CA GLU A 368 -11.56 4.89 16.26
C GLU A 368 -13.07 5.13 16.40
N GLU A 369 -13.88 4.20 15.93
CA GLU A 369 -15.32 4.35 16.03
C GLU A 369 -15.96 3.21 16.84
N GLU A 370 -15.92 3.36 18.16
CA GLU A 370 -16.48 2.35 19.04
C GLU A 370 -15.70 1.05 18.89
N LYS A 371 -14.50 1.02 19.48
CA LYS A 371 -13.65 -0.16 19.42
C LYS A 371 -12.98 -0.42 18.07
N LYS A 372 -13.67 -0.14 16.97
CA LYS A 372 -13.11 -0.40 15.64
C LYS A 372 -12.47 0.78 14.90
N LEU A 373 -11.35 0.53 14.25
CA LEU A 373 -10.63 1.55 13.50
C LEU A 373 -11.18 1.64 12.08
N THR A 374 -11.65 2.82 11.69
CA THR A 374 -12.18 3.03 10.34
C THR A 374 -11.38 4.04 9.54
N ARG A 375 -11.45 3.93 8.22
CA ARG A 375 -10.74 4.86 7.36
C ARG A 375 -11.70 5.95 6.90
N LYS A 376 -11.28 7.19 7.11
CA LYS A 376 -12.09 8.34 6.72
C LYS A 376 -11.48 9.06 5.53
N GLU A 377 -12.08 8.88 4.36
CA GLU A 377 -11.61 9.52 3.14
C GLU A 377 -11.96 11.01 3.12
N VAL A 378 -10.96 11.84 2.82
CA VAL A 378 -11.16 13.28 2.72
C VAL A 378 -10.33 13.81 1.57
N TYR A 379 -10.46 15.09 1.30
CA TYR A 379 -9.70 15.71 0.23
C TYR A 379 -8.96 16.93 0.74
N ILE A 380 -7.70 17.04 0.35
CA ILE A 380 -6.85 18.14 0.75
C ILE A 380 -6.96 19.25 -0.30
N LYS A 381 -7.54 20.38 0.10
CA LYS A 381 -7.69 21.50 -0.81
C LYS A 381 -6.34 22.17 -0.99
N ASN A 382 -5.58 21.72 -2.00
CA ASN A 382 -4.26 22.25 -2.27
C ASN A 382 -4.18 22.95 -3.62
N GLY A 383 -5.34 23.24 -4.21
CA GLY A 383 -5.38 23.91 -5.50
C GLY A 383 -6.01 25.28 -5.35
N ASP A 384 -6.70 25.75 -6.38
CA ASP A 384 -7.32 27.06 -6.32
C ASP A 384 -8.49 27.09 -5.35
N LYS A 385 -8.70 25.98 -4.64
CA LYS A 385 -9.78 25.93 -3.66
C LYS A 385 -9.22 26.03 -2.23
N LYS A 386 -7.88 26.00 -2.14
CA LYS A 386 -7.16 26.10 -0.88
C LYS A 386 -7.52 27.32 -0.04
N GLY A 387 -7.06 28.50 -0.48
CA GLY A 387 -7.32 29.73 0.24
C GLY A 387 -8.73 29.81 0.84
N SER A 388 -9.71 29.33 0.10
CA SER A 388 -11.08 29.37 0.59
C SER A 388 -11.23 28.51 1.85
N CYS A 389 -10.65 27.30 1.82
CA CYS A 389 -10.69 26.34 2.94
C CYS A 389 -10.02 26.95 4.17
N GLU A 390 -8.89 27.61 3.93
CA GLU A 390 -8.14 28.25 5.02
C GLU A 390 -8.95 29.35 5.71
N ARG A 391 -9.53 30.25 4.92
CA ARG A 391 -10.31 31.34 5.48
C ARG A 391 -11.36 30.84 6.47
N ASP A 392 -11.98 29.71 6.16
CA ASP A 392 -13.01 29.17 7.05
C ASP A 392 -12.55 29.02 8.50
N ALA A 393 -11.24 29.15 8.73
CA ALA A 393 -10.71 29.04 10.09
C ALA A 393 -11.31 30.12 10.99
N GLN A 394 -11.69 31.26 10.37
CA GLN A 394 -12.27 32.38 11.09
C GLN A 394 -13.48 32.00 11.96
N TYR A 395 -14.24 31.01 11.52
CA TYR A 395 -15.43 30.58 12.27
C TYR A 395 -15.08 29.69 13.46
N ALA A 396 -13.80 29.60 13.77
CA ALA A 396 -13.33 28.76 14.88
C ALA A 396 -13.44 29.44 16.24
N PRO A 397 -13.71 28.64 17.29
CA PRO A 397 -13.85 29.09 18.68
C PRO A 397 -12.64 29.89 19.20
N GLY A 398 -12.84 31.17 19.49
CA GLY A 398 -11.76 31.98 19.99
C GLY A 398 -10.88 32.58 18.92
N TYR A 399 -11.35 32.55 17.68
CA TYR A 399 -10.59 33.07 16.53
C TYR A 399 -11.35 34.18 15.79
N ASP A 400 -12.52 34.55 16.30
CA ASP A 400 -13.35 35.57 15.68
C ASP A 400 -12.74 36.98 15.66
N LYS A 401 -11.61 37.17 16.32
CA LYS A 401 -11.01 38.50 16.31
C LYS A 401 -9.56 38.44 15.90
N VAL A 402 -9.15 37.33 15.29
CA VAL A 402 -7.79 37.21 14.86
C VAL A 402 -7.55 38.29 13.82
N LYS A 403 -6.46 39.06 14.00
CA LYS A 403 -6.12 40.12 13.05
C LYS A 403 -6.12 39.51 11.66
N ASP A 404 -4.95 39.04 11.24
CA ASP A 404 -4.78 38.41 9.94
C ASP A 404 -4.90 36.90 10.12
N ILE A 405 -5.89 36.30 9.48
CA ILE A 405 -6.12 34.87 9.59
C ILE A 405 -4.95 34.02 9.13
N SER A 406 -4.18 34.52 8.16
CA SER A 406 -3.03 33.75 7.66
C SER A 406 -1.99 33.64 8.77
N GLU A 407 -2.30 34.22 9.91
CA GLU A 407 -1.38 34.18 11.04
C GLU A 407 -1.67 32.94 11.89
N VAL A 408 -2.88 32.40 11.77
CA VAL A 408 -3.22 31.18 12.51
C VAL A 408 -3.02 29.99 11.59
N VAL A 409 -3.42 30.13 10.33
CA VAL A 409 -3.24 29.08 9.35
C VAL A 409 -1.89 29.37 8.70
N THR A 410 -0.82 28.98 9.39
CA THR A 410 0.54 29.20 8.93
C THR A 410 0.86 28.29 7.73
N PRO A 411 2.01 28.52 7.07
CA PRO A 411 2.44 27.72 5.93
C PRO A 411 2.68 26.27 6.31
N ARG A 412 2.34 25.91 7.54
CA ARG A 412 2.54 24.55 7.99
C ARG A 412 1.28 23.72 7.92
N PHE A 413 0.16 24.35 7.62
CA PHE A 413 -1.09 23.61 7.57
C PHE A 413 -1.64 23.15 6.23
N LEU A 414 -2.33 22.01 6.28
CA LEU A 414 -2.99 21.41 5.13
C LEU A 414 -4.44 21.56 5.53
N CYS A 415 -5.33 21.70 4.55
CA CYS A 415 -6.73 21.92 4.86
C CYS A 415 -7.68 20.90 4.24
N THR A 416 -8.43 20.19 5.09
CA THR A 416 -9.40 19.21 4.59
C THR A 416 -10.79 19.53 5.16
N GLY A 417 -11.79 18.80 4.69
CA GLY A 417 -13.15 19.01 5.15
C GLY A 417 -13.89 19.89 4.15
N GLY A 418 -15.20 20.00 4.32
CA GLY A 418 -15.97 20.81 3.39
C GLY A 418 -16.99 20.04 2.59
N VAL A 419 -17.66 20.73 1.68
CA VAL A 419 -18.70 20.13 0.83
C VAL A 419 -18.23 19.89 -0.59
N SER A 420 -17.06 20.41 -0.94
CA SER A 420 -16.54 20.19 -2.29
C SER A 420 -15.02 20.03 -2.33
N PRO A 421 -14.51 19.17 -3.22
CA PRO A 421 -15.27 18.42 -4.23
C PRO A 421 -16.26 17.39 -3.65
N TYR A 422 -16.09 17.00 -2.39
CA TYR A 422 -17.00 16.03 -1.80
C TYR A 422 -17.26 16.29 -0.32
N ALA A 423 -18.34 15.73 0.18
CA ALA A 423 -18.69 15.89 1.58
C ALA A 423 -17.69 15.14 2.46
N ASP A 424 -16.58 15.79 2.78
CA ASP A 424 -15.55 15.18 3.63
C ASP A 424 -16.03 14.95 5.05
N PRO A 425 -15.55 13.87 5.68
CA PRO A 425 -15.94 13.60 7.06
C PRO A 425 -14.96 14.43 7.89
N ASN A 426 -15.27 14.68 9.15
CA ASN A 426 -14.36 15.47 9.97
C ASN A 426 -13.78 14.69 11.15
N THR A 427 -12.55 15.07 11.52
CA THR A 427 -11.85 14.42 12.62
C THR A 427 -12.61 14.69 13.91
N CYS A 428 -12.53 13.77 14.87
CA CYS A 428 -13.23 13.89 16.15
C CYS A 428 -12.19 13.96 17.25
N ARG A 429 -12.61 14.32 18.46
CA ARG A 429 -11.66 14.38 19.57
C ARG A 429 -11.11 12.97 19.79
N GLY A 430 -9.81 12.82 19.64
CA GLY A 430 -9.21 11.52 19.81
C GLY A 430 -8.40 11.23 18.57
N ASP A 431 -8.73 11.91 17.48
CA ASP A 431 -8.01 11.69 16.22
C ASP A 431 -6.75 12.56 16.19
N SER A 432 -6.71 13.60 17.04
CA SER A 432 -5.54 14.49 17.13
C SER A 432 -4.24 13.72 17.15
N GLY A 433 -3.30 14.05 16.26
CA GLY A 433 -2.04 13.35 16.32
C GLY A 433 -1.97 12.22 15.33
N GLY A 434 -3.15 11.79 14.88
CA GLY A 434 -3.22 10.71 13.92
C GLY A 434 -2.66 11.14 12.58
N PRO A 435 -2.23 10.18 11.75
CA PRO A 435 -1.67 10.53 10.44
C PRO A 435 -2.70 10.86 9.35
N LEU A 436 -2.36 11.84 8.51
CA LEU A 436 -3.19 12.21 7.38
C LEU A 436 -2.40 11.55 6.27
N ILE A 437 -3.01 10.57 5.62
CA ILE A 437 -2.32 9.77 4.61
C ILE A 437 -2.72 9.84 3.15
N VAL A 438 -1.73 9.60 2.29
CA VAL A 438 -1.92 9.56 0.85
C VAL A 438 -1.62 8.11 0.46
N HIS A 439 -2.51 7.54 -0.32
CA HIS A 439 -2.41 6.14 -0.77
C HIS A 439 -1.98 6.08 -2.23
N LYS A 440 -0.75 5.67 -2.47
CA LYS A 440 -0.26 5.58 -3.84
C LYS A 440 0.59 4.32 -4.05
N ARG A 441 0.41 3.70 -5.22
CA ARG A 441 1.14 2.47 -5.55
C ARG A 441 0.88 1.39 -4.51
N SER A 442 -0.34 1.34 -3.99
CA SER A 442 -0.72 0.34 -2.99
C SER A 442 0.06 0.50 -1.69
N ARG A 443 0.73 1.64 -1.52
CA ARG A 443 1.51 1.92 -0.32
C ARG A 443 0.93 3.14 0.38
N PHE A 444 1.28 3.33 1.65
CA PHE A 444 0.73 4.43 2.42
C PHE A 444 1.74 5.46 2.88
N ILE A 445 1.53 6.72 2.48
CA ILE A 445 2.45 7.78 2.82
C ILE A 445 1.82 8.85 3.70
N GLN A 446 2.44 9.09 4.85
CA GLN A 446 1.95 10.12 5.76
C GLN A 446 2.41 11.49 5.26
N VAL A 447 1.45 12.38 5.04
CA VAL A 447 1.78 13.72 4.60
C VAL A 447 1.45 14.75 5.67
N GLY A 448 0.64 14.35 6.65
CA GLY A 448 0.28 15.28 7.70
C GLY A 448 -0.05 14.66 9.03
N VAL A 449 -0.18 15.52 10.04
CA VAL A 449 -0.52 15.12 11.39
C VAL A 449 -1.78 15.91 11.79
N ILE A 450 -2.88 15.20 12.03
CA ILE A 450 -4.12 15.85 12.42
C ILE A 450 -3.88 16.79 13.60
N SER A 451 -4.13 18.07 13.40
CA SER A 451 -3.89 19.06 14.44
C SER A 451 -5.14 19.67 15.08
N TRP A 452 -5.93 20.40 14.31
CA TRP A 452 -7.13 21.03 14.87
C TRP A 452 -8.22 21.24 13.84
N GLY A 453 -9.43 21.48 14.34
CA GLY A 453 -10.55 21.70 13.43
C GLY A 453 -11.36 22.96 13.68
N VAL A 454 -12.13 23.36 12.68
CA VAL A 454 -12.96 24.54 12.76
C VAL A 454 -14.24 24.24 13.57
N VAL A 455 -14.84 23.08 13.35
CA VAL A 455 -16.08 22.72 14.05
C VAL A 455 -16.06 21.35 14.74
N ASP A 456 -16.69 21.27 15.91
CA ASP A 456 -16.79 20.01 16.67
C ASP A 456 -18.05 19.29 16.18
N VAL A 457 -17.88 18.41 15.20
CA VAL A 457 -18.99 17.65 14.62
C VAL A 457 -19.15 16.24 15.19
N CYS A 458 -18.81 16.06 16.46
CA CYS A 458 -18.94 14.74 17.08
C CYS A 458 -19.49 14.87 18.49
N VAL A 467 -23.53 18.67 8.73
CA VAL A 467 -22.57 19.61 9.29
C VAL A 467 -22.37 20.81 8.36
N PRO A 468 -21.89 21.95 8.90
CA PRO A 468 -21.67 23.17 8.12
C PRO A 468 -20.64 23.05 6.99
N ALA A 469 -20.86 23.79 5.91
CA ALA A 469 -19.95 23.78 4.76
C ALA A 469 -18.54 24.24 5.15
N HIS A 470 -18.42 24.91 6.29
CA HIS A 470 -17.11 25.40 6.72
C HIS A 470 -16.46 24.52 7.81
N ALA A 471 -16.98 23.33 8.02
CA ALA A 471 -16.41 22.41 9.00
C ALA A 471 -15.08 21.94 8.41
N ARG A 472 -14.02 22.68 8.69
CA ARG A 472 -12.71 22.33 8.15
C ARG A 472 -11.78 21.70 9.20
N ASP A 473 -10.72 21.05 8.71
CA ASP A 473 -9.73 20.42 9.57
C ASP A 473 -8.36 20.83 9.08
N PHE A 474 -7.46 21.09 10.03
CA PHE A 474 -6.10 21.49 9.70
C PHE A 474 -5.07 20.49 10.19
N HIS A 475 -4.12 20.22 9.31
CA HIS A 475 -3.08 19.25 9.62
C HIS A 475 -1.70 19.85 9.39
N ILE A 476 -0.72 19.31 10.09
CA ILE A 476 0.63 19.76 9.92
C ILE A 476 1.23 19.05 8.71
N ASN A 477 1.64 19.84 7.72
CA ASN A 477 2.24 19.36 6.49
C ASN A 477 3.63 18.90 6.87
N LEU A 478 3.87 17.58 6.93
CA LEU A 478 5.19 17.07 7.30
C LEU A 478 6.31 17.62 6.41
N PHE A 479 5.97 18.05 5.19
CA PHE A 479 6.98 18.61 4.31
C PHE A 479 7.52 19.90 4.89
N GLN A 480 6.69 20.58 5.68
CA GLN A 480 7.10 21.85 6.29
C GLN A 480 7.88 21.69 7.60
N VAL A 481 8.12 20.45 8.05
CA VAL A 481 8.86 20.22 9.29
C VAL A 481 9.98 19.20 9.10
N LEU A 482 10.31 18.93 7.84
CA LEU A 482 11.35 17.97 7.49
C LEU A 482 12.69 18.17 8.18
N PRO A 483 13.15 19.43 8.33
CA PRO A 483 14.43 19.65 8.99
C PRO A 483 14.44 19.07 10.40
N TRP A 484 13.30 19.17 11.09
CA TRP A 484 13.14 18.64 12.44
C TRP A 484 13.11 17.10 12.41
N LEU A 485 12.28 16.54 11.55
CA LEU A 485 12.17 15.10 11.45
C LEU A 485 13.52 14.47 11.12
N LYS A 486 14.17 15.04 10.12
CA LYS A 486 15.47 14.57 9.65
C LYS A 486 16.46 14.55 10.81
N GLU A 487 16.38 15.58 11.65
CA GLU A 487 17.26 15.72 12.81
C GLU A 487 16.98 14.73 13.94
N LYS A 488 15.71 14.59 14.30
CA LYS A 488 15.32 13.70 15.38
C LYS A 488 15.34 12.22 15.00
N LEU A 489 15.24 11.93 13.70
CA LEU A 489 15.24 10.55 13.22
C LEU A 489 16.52 10.17 12.47
N GLN A 490 17.50 11.07 12.46
CA GLN A 490 18.76 10.83 11.76
C GLN A 490 19.45 9.47 12.02
N ASP A 491 19.04 8.78 13.08
CA ASP A 491 19.66 7.49 13.39
C ASP A 491 18.70 6.31 13.23
N GLU A 492 17.47 6.59 12.81
CA GLU A 492 16.47 5.55 12.65
C GLU A 492 16.56 4.81 11.33
N ASP A 493 17.70 4.99 10.66
CA ASP A 493 17.93 4.33 9.39
C ASP A 493 16.74 4.46 8.45
N LEU A 494 16.28 5.68 8.24
CA LEU A 494 15.14 5.93 7.37
C LEU A 494 15.56 6.52 6.05
N GLY A 495 16.83 6.89 5.95
CA GLY A 495 17.39 7.46 4.72
C GLY A 495 16.78 8.73 4.18
N PHE A 496 16.64 9.77 5.01
CA PHE A 496 16.08 11.04 4.52
C PHE A 496 16.96 11.57 3.40
N LEU A 497 16.34 12.32 2.49
CA LEU A 497 17.09 12.89 1.37
C LEU A 497 17.74 14.19 1.85
I IOD B . 11.45 22.71 10.91
I IOD C . 0.03 -11.48 12.70
NA NA D . 24.44 21.84 13.45
NA NA E . 6.12 2.19 -19.51
NA NA F . 6.85 -13.31 8.06
NA NA G . 4.73 21.61 0.38
NA NA H . 16.45 5.10 -3.25
NA NA I . 12.49 -36.45 -5.32
NA NA J . -0.48 -14.81 13.01
MG MG K . -11.25 -23.09 -26.08
C1 DFP L . -7.51 17.51 21.26
C2 DFP L . -7.25 16.04 21.76
C3 DFP L . -8.47 18.36 22.19
C1' DFP L . -9.35 17.63 17.01
C2' DFP L . -10.77 17.47 16.43
C3' DFP L . -8.35 17.88 15.87
P DFP L . -7.86 16.28 18.92
O1P DFP L . -8.03 17.52 19.90
O2P DFP L . -9.01 16.31 17.76
O3P DFP L . -8.08 14.91 19.70
#